data_4EV1
#
_entry.id   4EV1
#
_cell.length_a   67.168
_cell.length_b   111.190
_cell.length_c   44.152
_cell.angle_alpha   90.00
_cell.angle_beta   125.36
_cell.angle_gamma   90.00
#
_symmetry.space_group_name_H-M   'C 1 2 1'
#
loop_
_entity.id
_entity.type
_entity.pdbx_description
1 polymer 'Anabena Tic22'
2 non-polymer 'SULFATE ION'
3 non-polymer '2-[N-CYCLOHEXYLAMINO]ETHANE SULFONIC ACID'
4 non-polymer 1,2-ETHANEDIOL
5 water water
#
_entity_poly.entity_id   1
_entity_poly.type   'polypeptide(L)'
_entity_poly.pdbx_seq_one_letter_code
;MLSEQQIKEKLDSVPIYLVTNEKGLPLSRPLPNAPNGQKAGGSITGAYMSRQEAQAFINELRNAKNKDPKMQEIVKSLQV
TAVPLGVIYQQLQQTKKDPNRLLFAFKPVDQEIKGAMDLLRQSGQQVNQFKSVPMFAVRFAPDQGYVPIKVGTGNEQVVP
LFLSKQDAQGLLGQVKPKHPKADIQVLDIDGVLQTLQDKNDTWLNQVVLVPSPESREYIRTLPKPPNTPAAPNRNNNNSR
PGAKLEHHHHHH
;
_entity_poly.pdbx_strand_id   A
#
loop_
_chem_comp.id
_chem_comp.type
_chem_comp.name
_chem_comp.formula
EDO non-polymer 1,2-ETHANEDIOL 'C2 H6 O2'
NHE non-polymer '2-[N-CYCLOHEXYLAMINO]ETHANE SULFONIC ACID' 'C8 H17 N O3 S'
SO4 non-polymer 'SULFATE ION' 'O4 S -2'
#
# COMPACT_ATOMS: atom_id res chain seq x y z
N MET A 1 -3.31 9.79 21.19
CA MET A 1 -2.78 9.09 19.99
C MET A 1 -3.97 8.62 19.16
N LEU A 2 -3.68 8.17 17.93
CA LEU A 2 -4.69 7.57 17.08
C LEU A 2 -5.01 6.17 17.58
N SER A 3 -6.30 5.85 17.64
CA SER A 3 -6.74 4.52 18.02
C SER A 3 -6.45 3.53 16.89
N GLU A 4 -6.48 2.24 17.21
CA GLU A 4 -6.44 1.18 16.19
C GLU A 4 -7.58 1.29 15.16
N GLN A 5 -8.76 1.71 15.59
CA GLN A 5 -9.84 1.91 14.64
C GLN A 5 -9.58 3.14 13.74
N GLN A 6 -9.04 4.21 14.30
CA GLN A 6 -8.68 5.36 13.49
C GLN A 6 -7.60 5.04 12.46
N ILE A 7 -6.57 4.30 12.87
CA ILE A 7 -5.50 3.89 11.98
C ILE A 7 -6.07 3.00 10.85
N LYS A 8 -6.94 2.05 11.22
CA LYS A 8 -7.57 1.19 10.20
C LYS A 8 -8.33 2.02 9.16
N GLU A 9 -9.08 3.03 9.60
CA GLU A 9 -9.90 3.82 8.67
C GLU A 9 -9.05 4.67 7.73
N LYS A 10 -7.86 5.09 8.18
CA LYS A 10 -6.93 5.82 7.33
C LYS A 10 -6.35 4.87 6.29
N LEU A 11 -5.89 3.72 6.74
CA LEU A 11 -5.35 2.69 5.85
C LEU A 11 -6.38 2.18 4.84
N ASP A 12 -7.64 2.11 5.24
CA ASP A 12 -8.71 1.60 4.38
C ASP A 12 -8.96 2.42 3.09
N SER A 13 -8.43 3.63 3.03
CA SER A 13 -8.49 4.41 1.78
C SER A 13 -7.84 3.68 0.63
N VAL A 14 -6.87 2.83 0.97
CA VAL A 14 -5.95 2.25 -0.02
C VAL A 14 -6.43 0.84 -0.33
N PRO A 15 -6.78 0.58 -1.59
CA PRO A 15 -7.10 -0.82 -1.94
C PRO A 15 -5.83 -1.65 -2.20
N ILE A 16 -5.88 -2.91 -1.80
CA ILE A 16 -4.81 -3.84 -2.00
C ILE A 16 -5.43 -4.91 -2.87
N TYR A 17 -4.70 -5.39 -3.86
CA TYR A 17 -5.26 -6.43 -4.79
C TYR A 17 -4.66 -7.82 -4.49
N LEU A 18 -5.52 -8.78 -4.15
CA LEU A 18 -5.14 -10.11 -3.82
C LEU A 18 -5.52 -11.01 -4.97
N VAL A 19 -4.71 -12.03 -5.21
CA VAL A 19 -5.05 -13.10 -6.14
C VAL A 19 -5.80 -14.18 -5.37
N THR A 20 -7.05 -14.40 -5.76
CA THR A 20 -7.98 -15.22 -4.96
C THR A 20 -8.80 -16.15 -5.80
N ASN A 21 -9.49 -17.11 -5.18
CA ASN A 21 -10.52 -17.85 -5.90
C ASN A 21 -11.79 -16.99 -6.00
N GLU A 22 -12.85 -17.57 -6.51
CA GLU A 22 -14.09 -16.83 -6.71
C GLU A 22 -14.79 -16.46 -5.38
N LYS A 23 -14.43 -17.12 -4.28
CA LYS A 23 -14.93 -16.72 -2.95
C LYS A 23 -13.97 -15.85 -2.13
N GLY A 24 -12.92 -15.33 -2.75
CA GLY A 24 -12.00 -14.45 -2.03
C GLY A 24 -10.91 -15.08 -1.17
N LEU A 25 -10.74 -16.38 -1.29
CA LEU A 25 -9.69 -17.11 -0.55
C LEU A 25 -8.40 -16.85 -1.30
N PRO A 26 -7.40 -16.29 -0.64
CA PRO A 26 -6.15 -15.94 -1.32
C PRO A 26 -5.29 -17.14 -1.73
N LEU A 27 -4.68 -17.05 -2.90
CA LEU A 27 -3.73 -18.05 -3.35
C LEU A 27 -2.49 -17.86 -2.48
N SER A 28 -2.03 -18.92 -1.85
CA SER A 28 -0.91 -18.82 -0.93
C SER A 28 -0.03 -20.07 -0.98
N ARG A 29 1.15 -19.96 -0.38
CA ARG A 29 2.15 -21.03 -0.31
C ARG A 29 2.38 -21.29 1.19
N PRO A 30 2.50 -22.57 1.59
CA PRO A 30 2.67 -22.88 3.01
C PRO A 30 4.03 -22.48 3.51
N LEU A 31 4.11 -22.21 4.81
CA LEU A 31 5.35 -21.79 5.43
C LEU A 31 5.91 -22.95 6.25
N PRO A 32 7.24 -23.05 6.35
CA PRO A 32 7.87 -24.12 7.07
C PRO A 32 7.89 -23.88 8.57
N ASN A 33 8.10 -24.95 9.33
CA ASN A 33 8.39 -24.84 10.77
C ASN A 33 9.76 -24.23 11.00
N ALA A 34 9.94 -23.60 12.15
CA ALA A 34 11.26 -23.28 12.65
C ALA A 34 11.98 -24.62 12.97
N PRO A 35 13.31 -24.58 13.19
CA PRO A 35 14.14 -25.81 13.21
C PRO A 35 13.77 -26.86 14.25
N ASN A 36 13.09 -26.43 15.27
CA ASN A 36 12.58 -27.31 16.30
C ASN A 36 11.15 -27.84 16.06
N GLY A 37 10.37 -27.18 15.21
CA GLY A 37 8.98 -27.57 14.96
C GLY A 37 7.89 -26.53 15.24
N GLN A 38 8.23 -25.33 15.72
CA GLN A 38 7.27 -24.21 15.81
C GLN A 38 7.18 -23.37 14.52
N LYS A 39 6.17 -22.49 14.46
CA LYS A 39 5.89 -21.59 13.30
C LYS A 39 5.76 -20.10 13.67
N ALA A 40 6.13 -19.25 12.73
CA ALA A 40 5.88 -17.82 12.84
C ALA A 40 5.21 -17.41 11.54
N GLY A 41 4.13 -18.16 11.23
CA GLY A 41 3.44 -18.14 9.91
C GLY A 41 2.90 -19.51 9.47
N GLY A 42 1.63 -19.60 9.03
CA GLY A 42 1.11 -20.80 8.33
C GLY A 42 1.22 -20.83 6.80
N SER A 43 0.91 -19.71 6.17
CA SER A 43 1.04 -19.57 4.72
C SER A 43 1.26 -18.10 4.36
N ILE A 44 1.67 -17.86 3.13
CA ILE A 44 2.01 -16.53 2.67
C ILE A 44 1.38 -16.26 1.29
N THR A 45 0.76 -15.08 1.16
CA THR A 45 0.14 -14.62 -0.09
C THR A 45 0.78 -13.34 -0.58
N GLY A 46 0.75 -13.17 -1.89
CA GLY A 46 1.37 -12.02 -2.51
C GLY A 46 0.38 -10.96 -2.86
N ALA A 47 0.45 -9.82 -2.15
CA ALA A 47 -0.48 -8.72 -2.32
C ALA A 47 0.12 -7.71 -3.31
N TYR A 48 -0.74 -6.96 -3.97
CA TYR A 48 -0.34 -6.01 -5.01
C TYR A 48 -0.94 -4.65 -4.78
N MET A 49 -0.13 -3.63 -5.04
CA MET A 49 -0.58 -2.24 -5.04
C MET A 49 -1.27 -1.91 -6.34
N SER A 50 -0.96 -2.71 -7.39
CA SER A 50 -1.54 -2.50 -8.73
C SER A 50 -2.44 -3.66 -9.16
N ARG A 51 -3.69 -3.34 -9.48
CA ARG A 51 -4.63 -4.34 -9.96
C ARG A 51 -4.15 -4.98 -11.26
N GLN A 52 -3.64 -4.16 -12.18
CA GLN A 52 -3.16 -4.65 -13.47
C GLN A 52 -2.01 -5.66 -13.28
N GLU A 53 -1.13 -5.39 -12.32
CA GLU A 53 -0.04 -6.33 -12.01
C GLU A 53 -0.57 -7.65 -11.48
N ALA A 54 -1.56 -7.59 -10.58
CA ALA A 54 -2.19 -8.79 -10.05
C ALA A 54 -2.79 -9.62 -11.17
N GLN A 55 -3.51 -8.95 -12.05
CA GLN A 55 -4.12 -9.62 -13.15
C GLN A 55 -3.10 -10.26 -14.09
N ALA A 56 -1.97 -9.60 -14.29
CA ALA A 56 -0.92 -10.08 -15.19
C ALA A 56 -0.36 -11.40 -14.64
N PHE A 57 -0.20 -11.44 -13.32
CA PHE A 57 0.22 -12.65 -12.64
C PHE A 57 -0.73 -13.81 -12.90
N ILE A 58 -2.04 -13.56 -12.75
CA ILE A 58 -3.04 -14.57 -13.10
C ILE A 58 -2.93 -14.97 -14.58
N ASN A 59 -2.82 -14.01 -15.48
CA ASN A 59 -2.78 -14.30 -16.93
C ASN A 59 -1.56 -15.15 -17.25
N GLU A 60 -0.46 -14.84 -16.60
CA GLU A 60 0.77 -15.63 -16.77
C GLU A 60 0.58 -17.08 -16.35
N LEU A 61 0.00 -17.28 -15.16
CA LEU A 61 -0.26 -18.62 -14.68
C LEU A 61 -1.17 -19.35 -15.65
N ARG A 62 -2.23 -18.66 -16.11
CA ARG A 62 -3.23 -19.28 -16.96
C ARG A 62 -2.60 -19.68 -18.30
N ASN A 63 -1.62 -18.90 -18.74
CA ASN A 63 -1.05 -19.08 -20.06
C ASN A 63 0.11 -20.08 -20.05
N ALA A 64 0.62 -20.43 -18.88
CA ALA A 64 1.76 -21.36 -18.77
C ALA A 64 1.31 -22.74 -19.27
N LYS A 65 2.23 -23.44 -19.91
CA LYS A 65 1.88 -24.73 -20.45
C LYS A 65 2.47 -25.83 -19.59
N ASN A 66 2.00 -27.04 -19.83
CA ASN A 66 2.42 -28.22 -19.07
C ASN A 66 2.27 -28.06 -17.55
N LYS A 67 1.11 -27.56 -17.11
CA LYS A 67 0.91 -27.36 -15.68
C LYS A 67 0.59 -28.68 -14.96
N ASP A 68 1.00 -28.72 -13.69
N ASP A 68 1.01 -28.75 -13.70
CA ASP A 68 0.56 -29.73 -12.72
CA ASP A 68 0.67 -29.86 -12.79
C ASP A 68 -0.95 -29.92 -12.65
C ASP A 68 -0.85 -29.87 -12.48
N PRO A 69 -1.41 -31.03 -12.05
CA PRO A 69 -2.86 -31.13 -11.83
C PRO A 69 -3.40 -30.08 -10.85
N LYS A 70 -2.57 -29.71 -9.87
CA LYS A 70 -2.86 -28.67 -8.88
C LYS A 70 -2.93 -27.27 -9.51
N MET A 71 -1.79 -26.76 -10.01
CA MET A 71 -1.73 -25.66 -10.99
C MET A 71 -2.98 -25.54 -11.88
N GLN A 72 -3.31 -26.64 -12.57
CA GLN A 72 -4.42 -26.68 -13.59
C GLN A 72 -5.79 -26.35 -13.02
N GLU A 73 -6.09 -27.00 -11.92
CA GLU A 73 -7.41 -26.88 -11.33
C GLU A 73 -7.53 -25.43 -10.78
N ILE A 74 -6.49 -25.03 -10.05
CA ILE A 74 -6.38 -23.73 -9.39
C ILE A 74 -6.59 -22.51 -10.29
N VAL A 75 -5.89 -22.49 -11.43
CA VAL A 75 -6.00 -21.36 -12.36
C VAL A 75 -7.42 -21.16 -12.92
N LYS A 76 -8.25 -22.19 -12.93
CA LYS A 76 -9.58 -22.09 -13.53
C LYS A 76 -10.48 -21.02 -12.89
N SER A 77 -10.32 -20.79 -11.59
CA SER A 77 -11.14 -19.82 -10.82
C SER A 77 -10.39 -18.64 -10.21
N LEU A 78 -9.18 -18.35 -10.67
CA LEU A 78 -8.43 -17.20 -10.10
C LEU A 78 -8.90 -15.86 -10.61
N GLN A 79 -8.94 -14.87 -9.73
CA GLN A 79 -9.33 -13.52 -10.02
C GLN A 79 -8.67 -12.59 -9.00
N VAL A 80 -8.78 -11.31 -9.27
CA VAL A 80 -8.29 -10.29 -8.39
C VAL A 80 -9.46 -9.89 -7.49
N THR A 81 -9.22 -9.83 -6.18
CA THR A 81 -10.12 -9.27 -5.19
C THR A 81 -9.47 -8.02 -4.58
N ALA A 82 -10.24 -6.96 -4.49
CA ALA A 82 -9.82 -5.70 -3.89
C ALA A 82 -10.18 -5.68 -2.37
N VAL A 83 -9.18 -5.50 -1.51
CA VAL A 83 -9.36 -5.47 -0.05
C VAL A 83 -8.80 -4.11 0.49
N PRO A 84 -9.54 -3.42 1.36
CA PRO A 84 -8.98 -2.24 1.95
C PRO A 84 -7.74 -2.59 2.79
N LEU A 85 -6.72 -1.76 2.75
CA LEU A 85 -5.47 -2.03 3.47
C LEU A 85 -5.66 -2.16 4.97
N GLY A 86 -6.59 -1.40 5.54
CA GLY A 86 -6.86 -1.49 6.99
C GLY A 86 -7.42 -2.81 7.45
N VAL A 87 -8.15 -3.50 6.58
CA VAL A 87 -8.63 -4.83 6.88
C VAL A 87 -7.48 -5.83 7.00
N ILE A 88 -6.54 -5.76 6.07
CA ILE A 88 -5.33 -6.57 6.17
C ILE A 88 -4.50 -6.23 7.39
N TYR A 89 -4.26 -4.93 7.63
CA TYR A 89 -3.56 -4.48 8.84
C TYR A 89 -4.22 -5.08 10.10
N GLN A 90 -5.53 -4.88 10.22
CA GLN A 90 -6.29 -5.38 11.37
C GLN A 90 -6.18 -6.89 11.52
N GLN A 91 -6.32 -7.60 10.40
CA GLN A 91 -6.19 -9.04 10.45
C GLN A 91 -4.80 -9.46 10.96
N LEU A 92 -3.75 -8.81 10.48
CA LEU A 92 -2.39 -9.14 10.93
C LEU A 92 -2.24 -8.86 12.44
N GLN A 93 -2.86 -7.79 12.92
CA GLN A 93 -2.77 -7.46 14.35
C GLN A 93 -3.55 -8.49 15.21
N GLN A 94 -4.66 -9.01 14.68
CA GLN A 94 -5.56 -9.92 15.42
C GLN A 94 -5.22 -11.41 15.27
N THR A 95 -4.33 -11.75 14.35
CA THR A 95 -3.93 -13.16 14.20
C THR A 95 -2.46 -13.45 14.64
N LYS A 96 -1.77 -12.48 15.23
CA LYS A 96 -0.37 -12.63 15.70
C LYS A 96 -0.03 -13.88 16.51
N LYS A 97 -1.00 -14.39 17.29
CA LYS A 97 -0.80 -15.58 18.12
C LYS A 97 -1.11 -16.90 17.41
N ASP A 98 -1.76 -16.85 16.26
CA ASP A 98 -2.10 -18.08 15.55
C ASP A 98 -0.82 -18.38 14.78
N PRO A 99 -0.20 -19.55 15.05
CA PRO A 99 1.12 -19.76 14.42
C PRO A 99 0.96 -20.11 12.94
N ASN A 100 -0.22 -20.68 12.63
CA ASN A 100 -0.71 -20.87 11.27
C ASN A 100 -1.38 -19.63 10.58
N ARG A 101 -1.06 -18.44 11.07
CA ARG A 101 -1.58 -17.20 10.51
CA ARG A 101 -1.56 -17.19 10.52
C ARG A 101 -1.17 -17.01 9.05
N LEU A 102 -2.00 -16.30 8.29
CA LEU A 102 -1.65 -15.90 6.93
C LEU A 102 -0.80 -14.63 6.96
N LEU A 103 0.33 -14.66 6.26
CA LEU A 103 1.18 -13.51 6.08
C LEU A 103 0.97 -12.94 4.68
N PHE A 104 1.32 -11.69 4.49
CA PHE A 104 1.20 -11.01 3.20
C PHE A 104 2.53 -10.38 2.81
N ALA A 105 2.94 -10.58 1.56
CA ALA A 105 4.07 -9.88 0.96
C ALA A 105 3.50 -8.83 0.03
N PHE A 106 3.95 -7.57 0.12
CA PHE A 106 3.39 -6.46 -0.67
C PHE A 106 4.30 -6.06 -1.86
N LYS A 107 3.73 -6.05 -3.06
CA LYS A 107 4.42 -5.64 -4.29
C LYS A 107 4.06 -4.22 -4.67
N PRO A 108 5.04 -3.30 -4.51
CA PRO A 108 4.77 -1.93 -4.92
C PRO A 108 4.78 -1.82 -6.45
N VAL A 109 4.22 -0.75 -6.96
CA VAL A 109 4.16 -0.51 -8.43
C VAL A 109 5.54 -0.12 -8.90
N ASP A 110 6.02 -0.75 -9.97
CA ASP A 110 7.42 -0.58 -10.42
C ASP A 110 7.80 0.87 -10.67
N GLN A 111 6.89 1.61 -11.30
CA GLN A 111 7.11 3.04 -11.59
C GLN A 111 7.37 3.84 -10.29
N GLU A 112 6.75 3.43 -9.20
CA GLU A 112 6.87 4.19 -7.94
C GLU A 112 8.16 3.87 -7.21
N ILE A 113 8.64 2.64 -7.31
CA ILE A 113 9.99 2.36 -6.83
C ILE A 113 11.03 3.23 -7.56
N LYS A 114 10.95 3.25 -8.89
CA LYS A 114 11.88 4.05 -9.72
C LYS A 114 11.79 5.51 -9.33
N GLY A 115 10.55 6.01 -9.23
CA GLY A 115 10.31 7.39 -8.81
C GLY A 115 10.90 7.71 -7.46
N ALA A 116 10.82 6.75 -6.53
CA ALA A 116 11.31 6.93 -5.16
C ALA A 116 12.84 7.08 -5.14
N MET A 117 13.53 6.21 -5.86
CA MET A 117 14.99 6.27 -5.96
C MET A 117 15.48 7.57 -6.62
N ASP A 118 14.82 8.01 -7.69
CA ASP A 118 15.11 9.29 -8.36
C ASP A 118 15.05 10.45 -7.36
N LEU A 119 13.94 10.55 -6.64
CA LEU A 119 13.79 11.58 -5.61
C LEU A 119 14.85 11.49 -4.50
N LEU A 120 15.24 10.28 -4.12
CA LEU A 120 16.25 10.09 -3.07
C LEU A 120 17.61 10.67 -3.53
N ARG A 121 17.99 10.41 -4.78
CA ARG A 121 19.18 11.04 -5.43
C ARG A 121 19.20 12.56 -5.27
N GLN A 122 18.13 13.21 -5.71
CA GLN A 122 18.01 14.67 -5.55
C GLN A 122 17.60 15.13 -4.13
N SER A 123 18.07 14.41 -3.12
CA SER A 123 18.09 14.93 -1.75
C SER A 123 19.43 14.62 -1.08
N GLY A 124 20.38 14.11 -1.87
CA GLY A 124 21.71 13.75 -1.37
C GLY A 124 21.90 12.28 -1.00
N GLN A 125 20.81 11.51 -0.88
CA GLN A 125 20.92 10.12 -0.40
C GLN A 125 20.43 9.06 -1.40
N GLN A 126 21.12 8.98 -2.53
CA GLN A 126 21.02 7.84 -3.44
C GLN A 126 20.94 6.54 -2.67
N VAL A 127 20.03 5.68 -3.11
CA VAL A 127 19.96 4.31 -2.60
C VAL A 127 20.23 3.35 -3.75
N ASN A 128 20.76 2.17 -3.44
CA ASN A 128 20.90 1.10 -4.44
C ASN A 128 19.65 0.20 -4.60
N GLN A 129 18.76 0.23 -3.61
CA GLN A 129 17.44 -0.42 -3.73
C GLN A 129 16.41 0.14 -2.70
N PHE A 130 15.12 0.08 -3.05
CA PHE A 130 14.04 0.54 -2.16
C PHE A 130 13.21 -0.60 -1.55
N LYS A 131 13.13 -0.61 -0.22
CA LYS A 131 12.29 -1.55 0.51
C LYS A 131 10.90 -0.98 0.83
N SER A 132 9.93 -1.86 0.79
CA SER A 132 8.56 -1.52 1.19
C SER A 132 7.87 -0.70 0.10
N VAL A 133 6.66 -0.26 0.42
CA VAL A 133 5.82 0.50 -0.53
C VAL A 133 6.11 1.97 -0.30
N PRO A 134 6.58 2.68 -1.34
CA PRO A 134 6.88 4.09 -1.06
C PRO A 134 5.61 4.93 -0.98
N MET A 135 5.75 6.08 -0.32
CA MET A 135 4.73 7.14 -0.32
C MET A 135 5.46 8.50 -0.50
N PHE A 136 4.73 9.50 -0.95
CA PHE A 136 5.34 10.74 -1.34
C PHE A 136 4.60 11.86 -0.68
N ALA A 137 5.34 12.76 -0.02
CA ALA A 137 4.70 13.86 0.69
C ALA A 137 5.39 15.14 0.29
N VAL A 138 4.59 16.15 -0.04
CA VAL A 138 5.11 17.43 -0.47
C VAL A 138 5.44 18.31 0.73
N ARG A 139 6.61 18.94 0.69
CA ARG A 139 7.04 19.81 1.79
C ARG A 139 7.30 21.17 1.24
N PHE A 140 7.10 22.18 2.07
CA PHE A 140 7.44 23.56 1.71
C PHE A 140 8.94 23.71 1.39
N ALA A 141 9.78 22.96 2.13
CA ALA A 141 11.23 22.90 1.90
C ALA A 141 11.75 21.71 2.69
N PRO A 142 12.93 21.18 2.34
CA PRO A 142 13.48 20.00 3.04
C PRO A 142 13.43 20.11 4.56
N ASP A 143 13.60 21.32 5.08
CA ASP A 143 13.62 21.60 6.52
C ASP A 143 12.30 22.20 7.03
N GLN A 144 11.25 22.12 6.22
CA GLN A 144 9.99 22.77 6.59
C GLN A 144 8.84 21.74 6.61
N GLY A 145 7.62 22.19 6.91
CA GLY A 145 6.50 21.30 7.19
C GLY A 145 5.84 20.71 5.96
N TYR A 146 4.91 19.79 6.17
CA TYR A 146 4.14 19.17 5.11
C TYR A 146 3.04 20.12 4.67
N VAL A 147 2.88 20.26 3.36
CA VAL A 147 1.87 21.11 2.75
C VAL A 147 0.50 20.46 2.90
N PRO A 148 -0.45 21.16 3.52
CA PRO A 148 -1.84 20.68 3.59
C PRO A 148 -2.66 21.06 2.36
N ILE A 149 -3.79 20.39 2.18
CA ILE A 149 -4.73 20.75 1.12
C ILE A 149 -6.13 20.92 1.70
N LYS A 150 -6.91 21.74 0.99
CA LYS A 150 -8.29 22.08 1.35
C LYS A 150 -9.16 20.89 0.94
N VAL A 151 -10.07 20.47 1.81
CA VAL A 151 -10.98 19.37 1.50
C VAL A 151 -12.39 19.64 2.01
N GLY A 152 -13.40 19.12 1.30
CA GLY A 152 -14.81 19.28 1.64
C GLY A 152 -15.38 20.66 1.34
N THR A 153 -16.53 20.97 1.95
CA THR A 153 -17.19 22.28 1.76
C THR A 153 -16.73 23.32 2.80
N GLY A 154 -16.23 22.85 3.94
CA GLY A 154 -15.85 23.76 5.04
C GLY A 154 -14.45 24.32 4.91
N ASN A 155 -13.77 24.44 6.05
CA ASN A 155 -12.38 24.88 6.09
C ASN A 155 -11.49 23.77 6.71
N GLU A 156 -11.88 22.52 6.47
CA GLU A 156 -11.09 21.39 6.92
C GLU A 156 -9.90 21.16 5.97
N GLN A 157 -8.75 20.85 6.56
CA GLN A 157 -7.53 20.51 5.82
C GLN A 157 -7.04 19.08 6.12
N VAL A 158 -6.35 18.50 5.13
CA VAL A 158 -5.65 17.22 5.29
C VAL A 158 -4.22 17.34 4.78
N VAL A 159 -3.34 16.48 5.31
CA VAL A 159 -1.98 16.34 4.82
C VAL A 159 -1.90 15.02 4.03
N PRO A 160 -1.84 15.11 2.69
CA PRO A 160 -1.97 13.90 1.87
C PRO A 160 -0.65 13.17 1.68
N LEU A 161 -0.63 11.87 1.95
CA LEU A 161 0.49 11.01 1.60
C LEU A 161 0.13 10.16 0.35
N PHE A 162 0.83 10.41 -0.75
CA PHE A 162 0.48 9.80 -2.02
C PHE A 162 1.20 8.50 -2.23
N LEU A 163 0.45 7.51 -2.69
CA LEU A 163 1.05 6.25 -3.12
C LEU A 163 1.64 6.38 -4.53
N SER A 164 1.27 7.45 -5.23
CA SER A 164 1.79 7.69 -6.55
C SER A 164 2.54 9.02 -6.69
N LYS A 165 3.77 8.92 -7.15
CA LYS A 165 4.61 10.09 -7.28
C LYS A 165 4.04 11.16 -8.17
N GLN A 166 3.39 10.79 -9.24
CA GLN A 166 2.76 11.74 -10.16
C GLN A 166 1.73 12.63 -9.47
N ASP A 167 1.00 12.07 -8.51
CA ASP A 167 0.05 12.86 -7.74
C ASP A 167 0.79 13.85 -6.83
N ALA A 168 1.91 13.44 -6.23
CA ALA A 168 2.73 14.38 -5.42
C ALA A 168 3.35 15.46 -6.32
N GLN A 169 3.79 15.09 -7.53
N GLN A 169 3.77 15.03 -7.51
CA GLN A 169 4.41 16.09 -8.43
CA GLN A 169 4.35 15.90 -8.54
C GLN A 169 3.38 17.14 -8.79
C GLN A 169 3.41 17.06 -8.82
N GLY A 170 2.13 16.72 -8.90
CA GLY A 170 1.03 17.64 -9.17
C GLY A 170 0.90 18.71 -8.10
N LEU A 171 0.86 18.29 -6.83
CA LEU A 171 0.80 19.23 -5.69
C LEU A 171 2.06 20.09 -5.58
N LEU A 172 3.22 19.47 -5.77
CA LEU A 172 4.48 20.22 -5.81
C LEU A 172 4.35 21.42 -6.78
N GLY A 173 3.91 21.13 -8.00
CA GLY A 173 3.67 22.15 -9.03
C GLY A 173 2.80 23.30 -8.57
N GLN A 174 1.78 23.03 -7.76
CA GLN A 174 0.90 24.09 -7.22
C GLN A 174 1.56 24.93 -6.12
N VAL A 175 2.50 24.34 -5.41
CA VAL A 175 3.16 24.99 -4.27
C VAL A 175 4.44 25.73 -4.69
N LYS A 176 5.06 25.28 -5.78
CA LYS A 176 6.41 25.70 -6.13
C LYS A 176 6.58 27.19 -6.48
N PRO A 177 5.59 27.80 -7.17
CA PRO A 177 5.72 29.23 -7.46
C PRO A 177 5.99 30.08 -6.19
N LYS A 178 5.17 29.91 -5.17
CA LYS A 178 5.30 30.69 -3.94
C LYS A 178 6.34 30.09 -3.00
N HIS A 179 6.69 28.81 -3.20
CA HIS A 179 7.69 28.13 -2.36
C HIS A 179 8.71 27.43 -3.25
N PRO A 180 9.69 28.20 -3.77
CA PRO A 180 10.60 27.65 -4.79
C PRO A 180 11.49 26.52 -4.31
N LYS A 181 11.68 26.44 -2.99
CA LYS A 181 12.42 25.34 -2.36
C LYS A 181 11.57 24.08 -2.06
N ALA A 182 10.28 24.12 -2.39
CA ALA A 182 9.38 22.97 -2.14
C ALA A 182 9.90 21.67 -2.77
N ASP A 183 9.67 20.55 -2.09
CA ASP A 183 10.09 19.27 -2.63
C ASP A 183 9.17 18.14 -2.22
N ILE A 184 9.45 16.96 -2.75
CA ILE A 184 8.73 15.75 -2.38
C ILE A 184 9.63 14.89 -1.50
N GLN A 185 9.18 14.56 -0.29
CA GLN A 185 9.86 13.59 0.57
C GLN A 185 9.42 12.15 0.26
N VAL A 186 10.41 11.26 0.15
CA VAL A 186 10.14 9.84 0.04
C VAL A 186 9.95 9.22 1.43
N LEU A 187 8.78 8.60 1.62
CA LEU A 187 8.44 7.89 2.83
C LEU A 187 8.16 6.43 2.44
N ASP A 188 7.90 5.61 3.43
CA ASP A 188 7.33 4.29 3.16
C ASP A 188 6.26 3.95 4.16
N ILE A 189 5.37 3.06 3.75
CA ILE A 189 4.17 2.76 4.52
C ILE A 189 4.44 2.21 5.92
N ASP A 190 5.48 1.40 6.06
CA ASP A 190 5.85 0.90 7.40
C ASP A 190 6.28 2.03 8.35
N GLY A 191 7.05 2.98 7.84
CA GLY A 191 7.52 4.11 8.65
C GLY A 191 6.41 5.06 9.08
N VAL A 192 5.53 5.41 8.14
CA VAL A 192 4.34 6.21 8.42
C VAL A 192 3.50 5.47 9.46
N LEU A 193 3.21 4.20 9.23
CA LEU A 193 2.36 3.47 10.17
C LEU A 193 2.93 3.49 11.62
N GLN A 194 4.24 3.28 11.76
CA GLN A 194 4.86 3.28 13.09
C GLN A 194 4.76 4.66 13.74
N THR A 195 4.87 5.72 12.93
CA THR A 195 4.57 7.08 13.44
C THR A 195 3.14 7.22 13.95
N LEU A 196 2.17 6.75 13.15
CA LEU A 196 0.76 6.85 13.57
C LEU A 196 0.49 5.99 14.84
N GLN A 197 1.22 4.90 15.00
CA GLN A 197 1.08 4.04 16.18
C GLN A 197 1.76 4.66 17.43
N ASP A 198 2.85 5.43 17.22
CA ASP A 198 3.76 5.85 18.32
C ASP A 198 3.63 7.29 18.82
N LYS A 199 2.92 8.16 18.11
CA LYS A 199 2.87 9.57 18.49
C LYS A 199 1.49 10.04 19.00
N ASN A 200 1.50 11.02 19.92
CA ASN A 200 0.26 11.67 20.41
C ASN A 200 -0.08 12.97 19.64
N ASP A 201 0.90 13.47 18.90
CA ASP A 201 0.77 14.71 18.12
C ASP A 201 -0.58 14.75 17.38
N THR A 202 -1.44 15.68 17.78
CA THR A 202 -2.84 15.71 17.36
C THR A 202 -3.03 15.99 15.85
N TRP A 203 -2.08 16.70 15.24
CA TRP A 203 -2.22 17.02 13.82
C TRP A 203 -2.24 15.78 12.93
N LEU A 204 -1.76 14.63 13.42
CA LEU A 204 -1.75 13.37 12.63
C LEU A 204 -3.13 12.87 12.24
N ASN A 205 -4.15 13.33 12.97
CA ASN A 205 -5.55 13.20 12.54
C ASN A 205 -5.80 13.72 11.12
N GLN A 206 -5.00 14.69 10.68
CA GLN A 206 -5.15 15.24 9.33
C GLN A 206 -4.56 14.36 8.22
N VAL A 207 -3.76 13.49 8.42
CA VAL A 207 -3.05 12.63 7.49
C VAL A 207 -4.05 11.71 6.82
N VAL A 208 -3.96 11.70 5.56
CA VAL A 208 -4.74 10.80 4.73
C VAL A 208 -3.83 10.13 3.71
N LEU A 209 -4.16 8.89 3.38
CA LEU A 209 -3.44 8.15 2.35
C LEU A 209 -4.20 8.23 1.05
N VAL A 210 -3.52 8.61 -0.02
CA VAL A 210 -4.17 8.80 -1.32
C VAL A 210 -3.64 7.70 -2.26
N PRO A 211 -4.50 6.72 -2.61
CA PRO A 211 -4.01 5.72 -3.55
C PRO A 211 -3.82 6.23 -4.98
N SER A 212 -3.33 5.35 -5.84
CA SER A 212 -2.92 5.72 -7.18
C SER A 212 -4.13 6.14 -8.02
N PRO A 213 -3.90 6.87 -9.13
CA PRO A 213 -5.05 7.29 -9.94
C PRO A 213 -5.89 6.10 -10.42
N GLU A 214 -5.22 5.02 -10.75
CA GLU A 214 -5.89 3.82 -11.21
C GLU A 214 -6.80 3.21 -10.14
N SER A 215 -6.32 3.17 -8.89
CA SER A 215 -7.12 2.67 -7.77
C SER A 215 -8.29 3.61 -7.45
N ARG A 216 -8.07 4.92 -7.55
CA ARG A 216 -9.14 5.89 -7.27
C ARG A 216 -10.28 5.71 -8.28
N GLU A 217 -9.91 5.57 -9.54
CA GLU A 217 -10.83 5.32 -10.65
C GLU A 217 -11.56 3.98 -10.45
N TYR A 218 -10.83 2.91 -10.15
CA TYR A 218 -11.45 1.62 -9.89
C TYR A 218 -12.47 1.67 -8.75
N ILE A 219 -12.10 2.35 -7.66
CA ILE A 219 -12.95 2.45 -6.48
C ILE A 219 -14.23 3.17 -6.82
N ARG A 220 -14.16 4.20 -7.68
CA ARG A 220 -15.35 4.90 -8.12
C ARG A 220 -16.34 3.98 -8.86
N THR A 221 -15.91 2.81 -9.35
CA THR A 221 -16.81 1.87 -10.07
C THR A 221 -17.66 0.97 -9.16
N LEU A 222 -17.34 0.99 -7.88
CA LEU A 222 -17.85 0.00 -6.93
C LEU A 222 -19.12 0.48 -6.22
N PRO A 223 -20.06 -0.45 -5.90
CA PRO A 223 -21.17 -0.11 -5.03
C PRO A 223 -20.59 0.27 -3.68
N LYS A 224 -21.30 1.11 -2.95
CA LYS A 224 -20.79 1.51 -1.66
C LYS A 224 -21.90 1.53 -0.62
N PRO A 225 -21.53 1.59 0.67
CA PRO A 225 -22.55 1.52 1.72
C PRO A 225 -23.26 2.85 1.86
N PRO A 226 -24.43 2.85 2.55
CA PRO A 226 -25.30 4.04 2.67
C PRO A 226 -24.61 5.39 2.91
S SO4 B . 2.92 18.24 -13.24
O1 SO4 B . 3.43 17.93 -14.57
O2 SO4 B . 3.76 17.56 -12.27
O3 SO4 B . 3.00 19.69 -12.97
O4 SO4 B . 1.51 17.84 -13.11
C3' NHE C . 4.42 13.03 7.27
C3' NHE C . 4.11 12.71 8.06
C2' NHE C . 5.71 12.24 7.50
C2' NHE C . 5.52 12.73 8.63
C1' NHE C . 5.41 11.04 8.39
C1' NHE C . 6.11 11.34 8.88
C6' NHE C . 4.47 11.53 9.48
C6' NHE C . 5.23 10.59 9.87
N NHE C . 6.60 10.38 8.91
N NHE C . 7.48 11.41 9.39
C1 NHE C . 6.63 8.92 8.89
C1 NHE C . 8.62 11.74 8.53
C2 NHE C . 7.86 8.30 9.52
C2 NHE C . 9.88 10.92 8.84
S NHE C . 8.90 7.71 8.37
S NHE C . 11.23 11.90 8.99
O1 NHE C . 9.88 8.77 8.06
O1 NHE C . 11.02 12.94 10.02
O2 NHE C . 8.16 7.34 7.14
O2 NHE C . 11.52 12.58 7.71
O3 NHE C . 9.62 6.53 8.89
O3 NHE C . 12.42 11.08 9.32
C5' NHE C . 3.08 11.65 8.88
C5' NHE C . 3.74 10.82 9.64
C4' NHE C . 3.18 12.17 7.45
C4' NHE C . 3.46 11.35 8.25
C3' NHE D . 1.77 -3.63 7.47
C2' NHE D . 2.83 -4.54 6.82
C1' NHE D . 3.38 -4.04 5.49
C6' NHE D . 2.97 -2.57 5.30
N NHE D . 4.84 -4.22 5.37
C1 NHE D . 5.46 -5.38 4.71
C2 NHE D . 6.44 -5.15 3.54
S NHE D . 6.80 -6.57 2.66
O1 NHE D . 7.51 -7.58 3.51
O2 NHE D . 5.56 -7.18 2.13
O3 NHE D . 7.69 -6.31 1.49
C5' NHE D . 1.44 -2.34 5.36
C4' NHE D . 0.75 -3.08 6.49
C1 EDO E . -9.99 -11.55 3.74
O1 EDO E . -10.80 -12.73 3.77
C2 EDO E . -8.61 -11.89 3.16
O2 EDO E . -7.60 -10.95 3.61
C1 EDO F . 1.00 3.48 -6.44
O1 EDO F . 0.33 2.36 -5.87
C2 EDO F . 0.49 3.74 -7.84
O2 EDO F . 1.45 3.98 -8.84
C1 EDO G . -1.66 1.33 -10.55
O1 EDO G . -0.58 2.25 -10.51
C2 EDO G . -2.53 1.70 -9.36
O2 EDO G . -2.18 1.10 -8.10
#